data_9BJ2
#
_entry.id   9BJ2
#
_cell.length_a   1.00
_cell.length_b   1.00
_cell.length_c   1.00
_cell.angle_alpha   90.00
_cell.angle_beta   90.00
_cell.angle_gamma   90.00
#
_symmetry.space_group_name_H-M   'P 1'
#
loop_
_entity.id
_entity.type
_entity.pdbx_description
1 polymer 'Spike glycoprotein'
2 polymer 'C1533 Heavy Chain'
3 polymer 'C1533 Light Chain'
4 non-polymer 2-acetamido-2-deoxy-beta-D-glucopyranose
#
loop_
_entity_poly.entity_id
_entity_poly.type
_entity_poly.pdbx_seq_one_letter_code
_entity_poly.pdbx_strand_id
1 'polypeptide(L)'
;MFVFLVLLPLVSSQCVNLTTRTQLPPAYTNSFTRGVYYPDKVFRSSVLHSTQDLFLPFFSNVTWFHAIHVSGTNGTKRFD
NPVLPFNDGVYFASTEKSNIIRGWIFGTTLDSKTQSLLIVNNATNVVIKVCEFQFCNDPFLGVYYHKNNKSWMESEFRVY
SSANNCTFEYVSQPFLMDLEGKQGNFKNLREFVFKNIDGYFKIYSKHTPINLVRDLPQGFSALEPLVDLPIGINITRFQT
LLALHRSYLTPGDSSSGWTAGAAAYYVGYLQPRTFLLKYNENGTITDAVDCALDPLSETKCTLKSFTVEKGIYQTSNFRV
QPTESIVRFPNITNLCPFGEVFNATRFASVYAWNRKRISNCVADYSVLYNSASFSTFKCYGVSPTKLNDLCFTNVYADSF
VIRGDEVRQIAPGQTGKIADYNYKLPDDFTGCVIAWNSNNLDSKVGGNYNYLYRLFRKSNLKPFERDISTEIYQAGSTPC
NGVEGFNCYFPLQSYGFQPTNGVGYQPYRVVVLSFELLHAPATVCGPKKSTNLVKNKCVNFNFNGLTGTGVLTESNKKFL
PFQQFGRDIADTTDAVRDPQTLEILDITPCSFGGVSVITPGTNTSNQVAVLYQDVNCTEVPVAIHADQLTPTWRVYSTGS
NVFQTRAGCLIGAEHVNNSYECDIPIGAGICASYQTQTNSPGSASSVASQSIIAYTMSLGAENSVAYSNNSIAIPTNFTI
SVTTEILPVSMTKTSVDCTMYICGDSTECSNLLLQYGSFCTQLNRALTGIAVEQDKNTQEVFAQVKQIYKTPPIKDFGGF
NFSQILPDPSKPSKRSPIEDLLFNKVTLADAGFIKQYGDCLGDIAARDLICAQKFNGLTVLPPLLTDEMIAQYTSALLAG
TITSGWTFGAGPALQIPFPMQMAYRFNGIGVTQNVLYENQKLIANQFNSAIGKIQDSLSSTPSALGKLQDVVNQNAQALN
TLVKQLSSNFGAISSVLNDILSRLDPPEAEVQIDRLITGRLQSLQTYVTQQLIRAAEIRASANLAATKMSECVLGQSKRV
DFCGKGYHLMSFPQSAPHGVVFLHVTYVPAQEKNFTTAPAICHDGKAHFPREGVFVSNGTHWFVTQRNFYEPQIITTDNT
FVSGNCDVVIGIVNNTVYDPLQPELDSFKEELDKYFKNHTSPDVDLGDISGINASVVNIQKEIDRLNEVAKNLNESLIDL
QELGKYEQGSGYIPEAPRDGQAYVRKDGEWVLLSTFLGRSLEVLFQGPGHHHHHHHHSAWSHPQFEKGGGSGGGGSGGSA
WSHPQFEK
;
A
2 'polypeptide(L)'
;MGWSCIILFLVATATGVHSQVQLVQSGAEVKKPGSSVKVSCKTSGVIFSRNAFSWVRQAPGQGLEWMGRIIPFLDVTNSA
QEFQGRVTLNADKSTSTVYMELSSLRSEDTAIYYCARHNGDPYDFWSGYNTWAGGLDVWGQGTTVTVSSASTKGPSVFPL
APSSKSTSGGTAALGCLVKDYFPEPVTVSWNSGALTSGVHTFPAVLQSSGLYSLSSVVTVPSSSLGTQTYICNVNHKPSN
TKVDKRVEPKSCDKTHHHHHH
;
H
3 'polypeptide(L)'
;MGWSCIILFLVATATGSWAQSVLTQPPSASGTPGQRVTISCSGSGSNIGSNAVNWYQQLPGTAPKLLIYNQNQRPSGVPD
RFSGSKSGTSASLAIGGLQSEDEADYYCATWDDNLSGLVFGGGTKLTVLGQPKAAPSVTLFPPSSEELQANKATLVCLIS
DFYPGAVTVAWKADSSPVKAGVETTTPSKQSNNKYAASSYLSLTPEQWKSHRSYSCQVTHEGSTVEKTVAPTECS
;
L
#
# COMPACT_ATOMS: atom_id res chain seq x y z
N GLN A 14 -5.14 1.17 0.50
CA GLN A 14 -6.21 0.85 -0.43
C GLN A 14 -5.69 0.81 -1.87
N CYS A 15 -6.60 0.57 -2.81
CA CYS A 15 -6.25 0.54 -4.23
C CYS A 15 -6.40 1.93 -4.83
N VAL A 16 -5.47 2.29 -5.71
CA VAL A 16 -5.43 3.61 -6.33
C VAL A 16 -5.63 3.43 -7.84
N ASN A 17 -6.54 4.22 -8.39
CA ASN A 17 -6.84 4.19 -9.83
C ASN A 17 -5.77 4.97 -10.56
N LEU A 18 -4.86 4.27 -11.22
CA LEU A 18 -3.77 4.90 -11.95
C LEU A 18 -4.05 5.05 -13.44
N THR A 19 -4.82 4.15 -14.03
CA THR A 19 -5.14 4.23 -15.45
C THR A 19 -6.41 5.04 -15.68
N ALA A 27 3.29 -1.86 -29.82
CA ALA A 27 4.38 -2.04 -30.75
C ALA A 27 4.90 -3.48 -30.70
N TYR A 28 5.52 -3.92 -31.80
CA TYR A 28 6.07 -5.26 -31.89
C TYR A 28 7.51 -5.17 -32.38
N THR A 29 8.34 -6.10 -31.90
CA THR A 29 9.74 -6.18 -32.30
C THR A 29 10.07 -7.63 -32.67
N ASN A 30 11.26 -7.80 -33.23
CA ASN A 30 11.73 -9.12 -33.62
C ASN A 30 12.55 -9.73 -32.49
N SER A 31 12.29 -11.00 -32.19
CA SER A 31 12.99 -11.69 -31.11
C SER A 31 14.34 -12.27 -31.55
N PHE A 32 14.62 -12.30 -32.85
CA PHE A 32 15.87 -12.85 -33.38
C PHE A 32 16.12 -14.26 -32.88
N THR A 33 17.11 -14.43 -31.99
CA THR A 33 17.50 -15.74 -31.49
C THR A 33 17.65 -15.75 -29.97
N ARG A 34 16.82 -14.99 -29.26
CA ARG A 34 16.87 -14.95 -27.81
C ARG A 34 15.90 -15.97 -27.22
N GLY A 35 16.22 -16.44 -26.01
CA GLY A 35 15.31 -17.29 -25.27
C GLY A 35 15.69 -18.76 -25.24
N VAL A 36 16.98 -19.06 -25.12
CA VAL A 36 17.49 -20.42 -25.04
C VAL A 36 17.99 -20.67 -23.63
N TYR A 37 17.62 -21.81 -23.06
CA TYR A 37 18.02 -22.16 -21.70
C TYR A 37 18.57 -23.58 -21.67
N TYR A 38 19.25 -23.91 -20.58
CA TYR A 38 19.80 -25.24 -20.42
C TYR A 38 18.69 -26.22 -20.10
N PRO A 39 18.48 -27.27 -20.91
CA PRO A 39 17.32 -28.14 -20.69
C PRO A 39 17.43 -29.01 -19.46
N ASP A 40 18.64 -29.38 -19.04
CA ASP A 40 18.83 -30.21 -17.86
C ASP A 40 20.16 -29.84 -17.20
N LYS A 41 20.43 -30.49 -16.08
CA LYS A 41 21.61 -30.21 -15.25
C LYS A 41 22.74 -31.21 -15.52
N VAL A 42 22.88 -31.67 -16.76
CA VAL A 42 23.91 -32.62 -17.14
C VAL A 42 25.00 -31.87 -17.91
N PHE A 43 26.25 -32.07 -17.49
CA PHE A 43 27.37 -31.42 -18.15
C PHE A 43 27.69 -32.14 -19.47
N ARG A 44 27.81 -31.36 -20.54
CA ARG A 44 28.18 -31.88 -21.84
C ARG A 44 29.21 -30.95 -22.46
N SER A 45 30.20 -31.52 -23.14
CA SER A 45 31.27 -30.74 -23.75
C SER A 45 31.46 -31.16 -25.19
N SER A 46 31.46 -30.17 -26.10
CA SER A 46 31.71 -30.38 -27.53
C SER A 46 30.81 -31.47 -28.10
N VAL A 47 29.51 -31.19 -28.09
CA VAL A 47 28.53 -32.15 -28.56
C VAL A 47 27.31 -31.41 -29.09
N LEU A 48 26.63 -32.02 -30.06
CA LEU A 48 25.36 -31.53 -30.57
C LEU A 48 24.24 -32.35 -29.94
N HIS A 49 23.32 -31.69 -29.24
CA HIS A 49 22.26 -32.34 -28.49
C HIS A 49 20.91 -31.89 -29.01
N SER A 50 20.06 -32.84 -29.35
CA SER A 50 18.72 -32.56 -29.84
C SER A 50 17.71 -32.78 -28.70
N THR A 51 16.80 -31.82 -28.54
CA THR A 51 15.86 -31.89 -27.43
C THR A 51 14.52 -31.28 -27.82
N GLN A 52 13.43 -31.92 -27.40
CA GLN A 52 12.08 -31.42 -27.61
C GLN A 52 11.59 -30.79 -26.30
N ASP A 53 11.16 -29.54 -26.36
CA ASP A 53 10.74 -28.82 -25.16
C ASP A 53 10.01 -27.55 -25.59
N LEU A 54 9.60 -26.77 -24.59
CA LEU A 54 8.87 -25.53 -24.84
C LEU A 54 9.88 -24.40 -25.00
N PHE A 55 10.06 -23.93 -26.23
CA PHE A 55 11.01 -22.88 -26.55
C PHE A 55 10.29 -21.71 -27.22
N LEU A 56 10.90 -20.54 -27.14
CA LEU A 56 10.43 -19.38 -27.88
C LEU A 56 10.95 -19.46 -29.31
N PRO A 57 10.08 -19.52 -30.33
CA PRO A 57 10.57 -19.73 -31.70
C PRO A 57 11.44 -18.58 -32.18
N PHE A 58 12.37 -18.92 -33.07
CA PHE A 58 13.28 -17.93 -33.62
C PHE A 58 12.53 -16.95 -34.52
N PHE A 59 12.99 -15.69 -34.51
CA PHE A 59 12.45 -14.64 -35.37
C PHE A 59 10.94 -14.50 -35.20
N SER A 60 10.50 -14.37 -33.96
CA SER A 60 9.09 -14.22 -33.64
C SER A 60 8.76 -12.77 -33.29
N ASN A 61 7.47 -12.49 -33.17
CA ASN A 61 6.99 -11.15 -32.83
C ASN A 61 6.83 -11.05 -31.32
N VAL A 62 7.61 -10.17 -30.70
CA VAL A 62 7.62 -9.97 -29.27
C VAL A 62 6.99 -8.62 -28.97
N THR A 63 6.06 -8.59 -28.02
CA THR A 63 5.29 -7.38 -27.74
C THR A 63 6.06 -6.47 -26.79
N TRP A 64 6.12 -5.19 -27.13
CA TRP A 64 6.85 -4.18 -26.36
C TRP A 64 5.83 -3.29 -25.65
N PHE A 65 5.88 -3.29 -24.32
CA PHE A 65 4.94 -2.55 -23.49
C PHE A 65 5.65 -1.39 -22.82
N HIS A 66 5.10 -0.19 -23.01
CA HIS A 66 5.52 1.00 -22.27
C HIS A 66 4.62 1.13 -21.06
N ALA A 67 5.07 0.61 -19.91
CA ALA A 67 4.25 0.65 -18.71
C ALA A 67 4.02 2.08 -18.25
N ILE A 68 5.06 2.90 -18.29
CA ILE A 68 4.96 4.32 -17.94
C ILE A 68 5.53 5.12 -19.09
N HIS A 69 4.78 6.13 -19.54
CA HIS A 69 5.16 6.97 -20.66
C HIS A 69 5.64 8.32 -20.17
N VAL A 70 6.80 8.75 -20.65
CA VAL A 70 7.41 10.03 -20.26
C VAL A 70 7.56 10.14 -18.75
N LYS A 77 2.62 11.85 -17.14
CA LYS A 77 2.78 10.41 -16.89
C LYS A 77 1.55 9.63 -17.34
N ARG A 78 1.77 8.65 -18.21
CA ARG A 78 0.71 7.80 -18.73
C ARG A 78 0.97 6.37 -18.29
N PHE A 79 -0.06 5.71 -17.76
CA PHE A 79 0.08 4.40 -17.14
C PHE A 79 -0.68 3.35 -17.95
N ASP A 80 -0.02 2.22 -18.22
CA ASP A 80 -0.67 1.10 -18.87
C ASP A 80 0.09 -0.16 -18.47
N ASN A 81 -0.48 -0.91 -17.52
CA ASN A 81 0.11 -2.15 -17.02
C ASN A 81 -0.95 -3.23 -17.05
N PRO A 82 -1.10 -3.93 -18.18
CA PRO A 82 -2.21 -4.87 -18.34
C PRO A 82 -1.92 -6.25 -17.76
N VAL A 83 -2.99 -7.04 -17.65
CA VAL A 83 -2.92 -8.44 -17.26
C VAL A 83 -2.93 -9.29 -18.52
N LEU A 84 -1.94 -10.16 -18.66
CA LEU A 84 -1.75 -10.89 -19.89
C LEU A 84 -1.91 -12.39 -19.67
N PRO A 85 -2.28 -13.15 -20.70
CA PRO A 85 -2.38 -14.60 -20.56
C PRO A 85 -1.01 -15.24 -20.41
N PHE A 86 -1.02 -16.44 -19.85
CA PHE A 86 0.21 -17.20 -19.59
C PHE A 86 0.54 -18.21 -20.69
N ASN A 87 -0.47 -18.88 -21.23
CA ASN A 87 -0.32 -19.86 -22.31
C ASN A 87 0.57 -20.99 -21.83
N ASP A 88 1.66 -21.33 -22.51
CA ASP A 88 2.49 -22.47 -22.16
C ASP A 88 3.80 -22.08 -21.49
N GLY A 89 3.98 -20.82 -21.16
CA GLY A 89 5.21 -20.30 -20.60
C GLY A 89 5.47 -18.91 -21.15
N VAL A 90 6.36 -18.18 -20.48
CA VAL A 90 6.55 -16.77 -20.78
C VAL A 90 8.03 -16.45 -20.86
N TYR A 91 8.40 -15.64 -21.87
CA TYR A 91 9.72 -15.03 -21.98
C TYR A 91 9.59 -13.54 -21.70
N PHE A 92 10.40 -13.03 -20.77
CA PHE A 92 10.34 -11.66 -20.31
C PHE A 92 11.71 -11.02 -20.48
N ALA A 93 11.73 -9.78 -20.98
CA ALA A 93 12.99 -9.07 -21.16
C ALA A 93 12.85 -7.61 -20.77
N SER A 94 13.93 -7.04 -20.25
CA SER A 94 13.92 -5.63 -19.89
C SER A 94 15.34 -5.08 -19.85
N THR A 95 15.56 -3.97 -20.55
CA THR A 95 16.83 -3.23 -20.48
C THR A 95 16.68 -2.01 -19.58
N GLU A 96 16.42 -2.25 -18.31
CA GLU A 96 16.17 -1.18 -17.35
C GLU A 96 17.24 -1.17 -16.27
N LYS A 97 17.53 0.03 -15.76
CA LYS A 97 18.55 0.21 -14.73
C LYS A 97 18.08 1.11 -13.59
N SER A 98 16.78 1.36 -13.48
CA SER A 98 16.23 2.21 -12.42
C SER A 98 15.37 1.43 -11.43
N ASN A 99 15.56 0.11 -11.35
CA ASN A 99 14.87 -0.78 -10.41
C ASN A 99 13.38 -0.48 -10.24
N ILE A 100 12.73 -0.04 -11.33
CA ILE A 100 11.29 0.19 -11.29
C ILE A 100 10.54 -1.14 -11.22
N ILE A 101 10.95 -2.11 -12.03
CA ILE A 101 10.32 -3.42 -12.06
C ILE A 101 10.83 -4.23 -10.87
N ARG A 102 9.91 -4.79 -10.08
CA ARG A 102 10.28 -5.44 -8.83
C ARG A 102 9.84 -6.89 -8.71
N GLY A 103 8.92 -7.36 -9.54
CA GLY A 103 8.48 -8.75 -9.40
C GLY A 103 7.30 -9.05 -10.30
N TRP A 104 6.57 -10.10 -9.94
CA TRP A 104 5.52 -10.62 -10.78
C TRP A 104 4.41 -11.25 -9.95
N ILE A 105 3.24 -11.39 -10.59
CA ILE A 105 2.06 -12.01 -10.02
C ILE A 105 1.57 -13.07 -11.01
N PHE A 106 1.22 -14.26 -10.50
CA PHE A 106 0.69 -15.34 -11.33
C PHE A 106 -0.55 -15.92 -10.68
N GLY A 107 -1.48 -16.38 -11.52
CA GLY A 107 -2.70 -16.98 -11.00
C GLY A 107 -3.71 -17.21 -12.11
N THR A 108 -4.95 -17.46 -11.72
CA THR A 108 -6.06 -17.67 -12.65
C THR A 108 -7.10 -16.56 -12.56
N THR A 109 -7.67 -16.33 -11.38
CA THR A 109 -8.64 -15.26 -11.19
C THR A 109 -8.08 -14.07 -10.43
N LEU A 110 -6.95 -14.23 -9.75
CA LEU A 110 -6.27 -13.14 -9.06
C LEU A 110 -7.18 -12.50 -8.00
N ASP A 111 -7.93 -13.34 -7.28
CA ASP A 111 -8.75 -12.88 -6.18
C ASP A 111 -8.80 -13.98 -5.12
N SER A 112 -9.62 -13.76 -4.08
CA SER A 112 -9.61 -14.63 -2.91
C SER A 112 -10.20 -16.01 -3.18
N LYS A 113 -10.82 -16.23 -4.33
CA LYS A 113 -11.43 -17.53 -4.60
C LYS A 113 -10.39 -18.60 -4.91
N THR A 114 -9.25 -18.21 -5.48
CA THR A 114 -8.22 -19.16 -5.88
C THR A 114 -6.87 -18.73 -5.31
N GLN A 115 -5.89 -19.61 -5.43
CA GLN A 115 -4.55 -19.36 -4.92
C GLN A 115 -3.67 -18.74 -6.01
N SER A 116 -2.79 -17.83 -5.60
CA SER A 116 -1.94 -17.09 -6.49
C SER A 116 -0.50 -17.07 -5.98
N LEU A 117 0.42 -16.78 -6.90
CA LEU A 117 1.84 -16.73 -6.62
C LEU A 117 2.34 -15.31 -6.79
N LEU A 118 3.20 -14.86 -5.88
CA LEU A 118 3.75 -13.51 -5.89
C LEU A 118 5.25 -13.55 -5.68
N ILE A 119 6.00 -12.85 -6.53
CA ILE A 119 7.45 -12.77 -6.42
C ILE A 119 7.83 -11.30 -6.30
N VAL A 120 8.59 -10.96 -5.25
CA VAL A 120 8.99 -9.59 -4.97
C VAL A 120 10.49 -9.56 -4.70
N ASN A 121 11.17 -8.56 -5.25
CA ASN A 121 12.60 -8.39 -5.06
C ASN A 121 12.87 -7.04 -4.40
N ASN A 122 13.93 -6.97 -3.60
CA ASN A 122 14.42 -5.69 -3.12
C ASN A 122 15.94 -5.77 -3.00
N ALA A 123 16.53 -4.80 -2.31
CA ALA A 123 17.97 -4.63 -2.33
C ALA A 123 18.73 -5.76 -1.65
N THR A 124 18.07 -6.57 -0.82
CA THR A 124 18.77 -7.60 -0.04
C THR A 124 18.23 -9.01 -0.19
N ASN A 125 16.98 -9.20 -0.64
CA ASN A 125 16.41 -10.54 -0.68
C ASN A 125 15.36 -10.62 -1.78
N VAL A 126 14.97 -11.86 -2.10
CA VAL A 126 13.80 -12.13 -2.93
C VAL A 126 12.83 -12.97 -2.10
N VAL A 127 11.55 -12.63 -2.19
CA VAL A 127 10.49 -13.29 -1.44
C VAL A 127 9.47 -13.85 -2.44
N ILE A 128 9.15 -15.13 -2.29
CA ILE A 128 8.19 -15.82 -3.13
C ILE A 128 7.11 -16.40 -2.22
N LYS A 129 5.85 -16.15 -2.57
CA LYS A 129 4.74 -16.57 -1.72
C LYS A 129 3.60 -17.13 -2.56
N VAL A 130 3.14 -18.33 -2.20
CA VAL A 130 1.89 -18.88 -2.73
C VAL A 130 0.85 -18.75 -1.63
N CYS A 131 -0.22 -18.02 -1.94
CA CYS A 131 -1.11 -17.46 -0.93
C CYS A 131 -2.39 -17.15 -1.70
N GLU A 132 -3.47 -16.90 -0.96
CA GLU A 132 -4.76 -16.55 -1.58
C GLU A 132 -4.89 -15.04 -1.41
N PHE A 133 -4.43 -14.31 -2.42
CA PHE A 133 -4.38 -12.86 -2.38
C PHE A 133 -5.68 -12.29 -2.95
N GLN A 134 -5.94 -11.03 -2.60
CA GLN A 134 -7.02 -10.24 -3.19
C GLN A 134 -6.35 -9.01 -3.81
N PHE A 135 -6.00 -9.11 -5.08
CA PHE A 135 -5.19 -8.10 -5.74
C PHE A 135 -6.02 -6.91 -6.17
N CYS A 136 -5.41 -5.72 -6.10
CA CYS A 136 -6.03 -4.51 -6.60
C CYS A 136 -5.99 -4.48 -8.12
N ASN A 137 -6.79 -3.59 -8.71
CA ASN A 137 -6.82 -3.47 -10.17
C ASN A 137 -5.51 -2.94 -10.71
N ASP A 138 -4.84 -2.03 -9.98
CA ASP A 138 -3.57 -1.45 -10.39
C ASP A 138 -2.57 -1.60 -9.26
N PRO A 139 -2.02 -2.80 -9.06
CA PRO A 139 -1.08 -3.01 -7.96
C PRO A 139 0.29 -2.44 -8.24
N PHE A 140 0.91 -1.89 -7.21
CA PHE A 140 2.28 -1.38 -7.31
C PHE A 140 2.87 -1.34 -5.90
N LEU A 141 4.20 -1.23 -5.85
CA LEU A 141 4.93 -1.18 -4.59
C LEU A 141 5.32 0.27 -4.31
N GLY A 142 4.87 0.81 -3.19
CA GLY A 142 5.13 2.19 -2.85
C GLY A 142 6.38 2.33 -1.99
N VAL A 143 7.21 3.31 -2.33
CA VAL A 143 8.46 3.58 -1.63
C VAL A 143 8.32 4.91 -0.91
N TYR A 144 8.52 4.89 0.41
CA TYR A 144 8.40 6.06 1.26
C TYR A 144 9.78 6.46 1.77
N TYR A 145 10.12 7.74 1.63
CA TYR A 145 11.40 8.27 2.06
C TYR A 145 11.23 9.16 3.29
N HIS A 146 12.12 9.00 4.26
CA HIS A 146 12.08 9.80 5.47
C HIS A 146 12.41 11.25 5.16
N LYS A 147 12.01 12.14 6.07
CA LYS A 147 12.30 13.56 5.90
C LYS A 147 13.82 13.80 5.85
N ASN A 148 14.55 13.19 6.76
CA ASN A 148 16.01 13.10 6.64
C ASN A 148 16.33 11.91 5.74
N ASN A 149 17.27 12.10 4.80
CA ASN A 149 17.54 11.10 3.79
C ASN A 149 18.60 10.12 4.31
N LYS A 150 18.15 9.20 5.15
CA LYS A 150 19.03 8.18 5.70
C LYS A 150 18.41 6.79 5.53
N SER A 151 17.08 6.71 5.53
CA SER A 151 16.38 5.44 5.44
C SER A 151 15.09 5.62 4.67
N TRP A 152 14.57 4.49 4.17
CA TRP A 152 13.30 4.47 3.45
C TRP A 152 12.54 3.22 3.85
N MET A 153 11.38 3.02 3.23
CA MET A 153 10.54 1.88 3.55
C MET A 153 9.69 1.53 2.32
N GLU A 154 9.21 0.28 2.30
CA GLU A 154 8.36 -0.22 1.23
C GLU A 154 7.06 -0.71 1.82
N SER A 155 5.95 -0.42 1.12
CA SER A 155 4.62 -0.57 1.69
C SER A 155 4.01 -1.94 1.42
N GLU A 156 3.85 -2.30 0.15
CA GLU A 156 3.14 -3.49 -0.32
C GLU A 156 1.65 -3.47 0.06
N PHE A 157 1.15 -2.36 0.58
CA PHE A 157 -0.26 -2.25 0.92
C PHE A 157 -1.13 -1.95 -0.30
N ARG A 158 -0.53 -1.53 -1.41
CA ARG A 158 -1.27 -1.22 -2.62
C ARG A 158 -1.19 -2.35 -3.65
N VAL A 159 -0.61 -3.48 -3.28
CA VAL A 159 -0.57 -4.64 -4.15
C VAL A 159 -1.80 -5.53 -3.96
N TYR A 160 -2.16 -5.80 -2.71
CA TYR A 160 -3.31 -6.63 -2.39
C TYR A 160 -4.00 -6.07 -1.17
N SER A 161 -5.27 -6.45 -1.01
CA SER A 161 -6.06 -6.04 0.15
C SER A 161 -6.12 -7.09 1.25
N SER A 162 -5.90 -8.36 0.91
CA SER A 162 -5.96 -9.43 1.90
C SER A 162 -5.03 -10.57 1.48
N ALA A 163 -4.67 -11.39 2.46
CA ALA A 163 -3.85 -12.58 2.19
C ALA A 163 -4.15 -13.60 3.29
N ASN A 164 -4.86 -14.67 2.93
CA ASN A 164 -5.25 -15.70 3.88
C ASN A 164 -4.94 -17.07 3.31
N ASN A 165 -5.09 -18.09 4.16
CA ASN A 165 -4.94 -19.50 3.78
C ASN A 165 -3.60 -19.74 3.10
N CYS A 166 -2.56 -19.17 3.71
CA CYS A 166 -1.29 -18.95 3.03
C CYS A 166 -0.44 -20.20 3.14
N THR A 167 -0.01 -20.74 2.00
CA THR A 167 0.58 -22.08 1.94
C THR A 167 2.09 -22.09 1.81
N PHE A 168 2.65 -21.40 0.81
CA PHE A 168 4.05 -21.57 0.47
C PHE A 168 4.81 -20.26 0.65
N GLU A 169 6.01 -20.35 1.22
CA GLU A 169 6.89 -19.22 1.40
C GLU A 169 8.32 -19.61 1.06
N TYR A 170 9.08 -18.64 0.54
CA TYR A 170 10.46 -18.88 0.13
C TYR A 170 11.21 -17.55 0.18
N VAL A 171 12.39 -17.56 0.79
CA VAL A 171 13.21 -16.37 0.93
C VAL A 171 14.63 -16.70 0.47
N SER A 172 15.19 -15.84 -0.38
CA SER A 172 16.54 -16.07 -0.89
C SER A 172 17.18 -14.72 -1.18
N GLN A 173 18.32 -14.74 -1.96
CA GLN A 173 19.01 -13.54 -2.42
C GLN A 173 18.38 -13.02 -3.70
N PRO A 174 18.40 -11.71 -3.91
CA PRO A 174 17.71 -11.13 -5.07
C PRO A 174 18.35 -11.53 -6.38
N PHE A 175 17.52 -11.60 -7.43
CA PHE A 175 17.99 -11.84 -8.78
C PHE A 175 17.56 -10.73 -9.73
N LEU A 176 17.45 -9.50 -9.22
CA LEU A 176 17.14 -8.35 -10.04
C LEU A 176 18.04 -7.17 -9.65
N LYS A 187 21.86 -0.53 -20.86
CA LYS A 187 23.22 -1.06 -20.91
C LYS A 187 23.32 -2.38 -20.16
N ASN A 188 22.20 -2.84 -19.61
CA ASN A 188 22.15 -4.09 -18.89
C ASN A 188 20.79 -4.73 -19.15
N LEU A 189 20.77 -5.76 -19.98
CA LEU A 189 19.55 -6.47 -20.36
C LEU A 189 19.35 -7.67 -19.46
N ARG A 190 18.14 -7.81 -18.92
CA ARG A 190 17.77 -8.93 -18.06
C ARG A 190 16.71 -9.75 -18.77
N GLU A 191 16.91 -11.06 -18.82
CA GLU A 191 16.00 -11.98 -19.48
C GLU A 191 15.58 -13.09 -18.52
N PHE A 192 14.29 -13.42 -18.55
CA PHE A 192 13.72 -14.46 -17.70
C PHE A 192 12.83 -15.37 -18.52
N VAL A 193 12.80 -16.64 -18.13
CA VAL A 193 11.91 -17.64 -18.72
C VAL A 193 11.13 -18.31 -17.59
N PHE A 194 9.81 -18.34 -17.71
CA PHE A 194 8.92 -18.89 -16.71
C PHE A 194 8.15 -20.07 -17.31
N LYS A 195 8.19 -21.22 -16.62
CA LYS A 195 7.45 -22.41 -17.01
C LYS A 195 6.72 -22.97 -15.80
N ASN A 196 5.61 -23.66 -16.05
CA ASN A 196 4.81 -24.28 -15.00
C ASN A 196 4.33 -25.63 -15.53
N ILE A 197 4.98 -26.71 -15.10
CA ILE A 197 4.67 -28.03 -15.63
C ILE A 197 5.07 -29.09 -14.61
N ASP A 198 4.36 -30.22 -14.62
CA ASP A 198 4.64 -31.38 -13.77
C ASP A 198 4.57 -31.04 -12.29
N GLY A 199 3.73 -30.07 -11.93
CA GLY A 199 3.63 -29.64 -10.55
C GLY A 199 4.77 -28.78 -10.07
N TYR A 200 5.65 -28.34 -10.97
CA TYR A 200 6.79 -27.51 -10.62
C TYR A 200 6.75 -26.20 -11.39
N PHE A 201 7.16 -25.13 -10.72
CA PHE A 201 7.32 -23.82 -11.33
C PHE A 201 8.81 -23.55 -11.51
N LYS A 202 9.23 -23.40 -12.76
CA LYS A 202 10.64 -23.29 -13.10
C LYS A 202 10.94 -21.88 -13.63
N ILE A 203 12.01 -21.29 -13.11
CA ILE A 203 12.45 -19.96 -13.52
C ILE A 203 13.90 -20.06 -13.96
N TYR A 204 14.19 -19.50 -15.14
CA TYR A 204 15.54 -19.35 -15.67
C TYR A 204 15.82 -17.86 -15.89
N SER A 205 17.07 -17.46 -15.71
CA SER A 205 17.40 -16.04 -15.78
C SER A 205 18.77 -15.84 -16.43
N LYS A 206 18.99 -14.63 -16.94
CA LYS A 206 20.27 -14.24 -17.51
C LYS A 206 20.41 -12.72 -17.49
N HIS A 207 21.64 -12.26 -17.27
CA HIS A 207 21.97 -10.84 -17.24
C HIS A 207 23.12 -10.60 -18.21
N THR A 208 22.98 -9.62 -19.10
CA THR A 208 24.02 -9.38 -20.09
C THR A 208 24.24 -7.89 -20.30
N PRO A 209 25.49 -7.48 -20.55
CA PRO A 209 25.74 -6.07 -20.88
C PRO A 209 25.63 -5.80 -22.36
N ILE A 210 24.83 -4.80 -22.74
CA ILE A 210 24.61 -4.44 -24.13
C ILE A 210 24.78 -2.92 -24.28
N ASN A 211 24.57 -2.44 -25.49
CA ASN A 211 24.66 -1.01 -25.77
C ASN A 211 23.78 -0.62 -26.95
N ASP A 215 14.61 -4.10 -30.85
CA ASP A 215 15.63 -3.44 -30.05
C ASP A 215 16.51 -4.46 -29.33
N LEU A 216 16.02 -5.69 -29.26
CA LEU A 216 16.81 -6.76 -28.66
C LEU A 216 18.02 -7.06 -29.54
N PRO A 217 19.16 -7.38 -28.94
CA PRO A 217 20.39 -7.56 -29.73
C PRO A 217 20.43 -8.91 -30.42
N GLN A 218 21.43 -9.07 -31.27
CA GLN A 218 21.73 -10.34 -31.90
C GLN A 218 22.78 -11.10 -31.10
N GLY A 219 22.97 -12.37 -31.45
CA GLY A 219 23.89 -13.23 -30.74
C GLY A 219 23.18 -14.20 -29.84
N PHE A 220 23.98 -14.95 -29.09
CA PHE A 220 23.47 -16.01 -28.23
C PHE A 220 23.90 -15.78 -26.78
N SER A 221 22.97 -16.04 -25.86
CA SER A 221 23.27 -16.03 -24.43
C SER A 221 22.30 -16.99 -23.77
N ALA A 222 22.75 -18.21 -23.50
CA ALA A 222 21.89 -19.23 -22.92
C ALA A 222 21.52 -18.87 -21.49
N LEU A 223 20.26 -19.08 -21.14
CA LEU A 223 19.76 -18.76 -19.82
C LEU A 223 20.03 -19.92 -18.86
N GLU A 224 20.56 -19.60 -17.71
CA GLU A 224 20.91 -20.65 -16.76
C GLU A 224 19.74 -20.92 -15.81
N PRO A 225 19.61 -22.16 -15.33
CA PRO A 225 18.53 -22.47 -14.40
C PRO A 225 18.66 -21.66 -13.12
N LEU A 226 17.57 -21.01 -12.72
CA LEU A 226 17.55 -20.17 -11.53
C LEU A 226 16.87 -20.85 -10.35
N VAL A 227 15.65 -21.36 -10.52
CA VAL A 227 14.95 -21.95 -9.39
C VAL A 227 13.90 -22.93 -9.90
N ASP A 228 13.61 -23.94 -9.08
CA ASP A 228 12.53 -24.91 -9.29
C ASP A 228 11.73 -25.01 -8.00
N LEU A 229 10.45 -24.67 -8.06
CA LEU A 229 9.61 -24.60 -6.88
C LEU A 229 8.51 -25.66 -6.95
N PRO A 230 8.39 -26.51 -5.94
CA PRO A 230 7.27 -27.49 -5.88
C PRO A 230 5.98 -26.84 -5.37
N ILE A 231 5.26 -26.22 -6.28
CA ILE A 231 4.11 -25.39 -5.94
C ILE A 231 2.79 -26.07 -6.31
N GLY A 232 2.66 -26.50 -7.56
CA GLY A 232 1.49 -27.25 -7.99
C GLY A 232 0.16 -26.53 -7.89
N ILE A 233 -0.03 -25.49 -8.71
CA ILE A 233 -1.28 -24.75 -8.75
C ILE A 233 -1.64 -24.47 -10.21
N ASN A 234 -2.81 -23.86 -10.40
CA ASN A 234 -3.24 -23.26 -11.66
C ASN A 234 -2.56 -21.92 -11.89
N ILE A 235 -2.02 -21.74 -13.10
CA ILE A 235 -1.56 -20.45 -13.57
C ILE A 235 -2.12 -20.24 -14.98
N THR A 236 -2.85 -19.14 -15.16
CA THR A 236 -3.48 -18.85 -16.45
C THR A 236 -3.16 -17.43 -16.91
N ARG A 237 -3.00 -16.51 -15.97
CA ARG A 237 -2.71 -15.12 -16.27
C ARG A 237 -1.55 -14.63 -15.39
N PHE A 238 -1.00 -13.48 -15.76
CA PHE A 238 0.09 -12.90 -14.98
C PHE A 238 0.15 -11.40 -15.23
N GLN A 239 0.85 -10.70 -14.36
CA GLN A 239 0.99 -9.24 -14.44
C GLN A 239 2.31 -8.83 -13.80
N THR A 240 2.89 -7.77 -14.35
CA THR A 240 4.17 -7.25 -13.89
C THR A 240 3.99 -6.28 -12.73
N LEU A 241 4.96 -6.27 -11.83
CA LEU A 241 4.91 -5.46 -10.62
C LEU A 241 5.94 -4.33 -10.72
N LEU A 242 5.48 -3.09 -10.58
CA LEU A 242 6.33 -1.91 -10.64
C LEU A 242 6.39 -1.23 -9.28
N ALA A 243 7.34 -0.30 -9.15
CA ALA A 243 7.56 0.44 -7.92
C ALA A 243 7.39 1.93 -8.20
N LEU A 244 6.66 2.61 -7.33
CA LEU A 244 6.38 4.03 -7.44
C LEU A 244 6.82 4.76 -6.18
N HIS A 245 7.28 5.99 -6.36
CA HIS A 245 7.72 6.85 -5.27
C HIS A 245 6.59 7.75 -4.81
N ARG A 246 6.78 8.36 -3.65
CA ARG A 246 5.74 9.18 -3.02
C ARG A 246 6.01 10.66 -3.27
N SER A 247 4.98 11.37 -3.71
CA SER A 247 5.00 12.83 -3.79
C SER A 247 4.20 13.36 -2.61
N TYR A 248 4.89 14.02 -1.68
CA TYR A 248 4.32 14.36 -0.38
C TYR A 248 3.58 15.70 -0.39
N LEU A 249 3.12 16.16 -1.54
CA LEU A 249 2.34 17.39 -1.63
C LEU A 249 0.84 17.13 -1.81
N THR A 250 0.46 15.92 -2.21
CA THR A 250 -0.92 15.53 -2.39
C THR A 250 -1.17 14.18 -1.74
N PRO A 251 -2.41 13.89 -1.34
CA PRO A 251 -2.68 12.59 -0.73
C PRO A 251 -2.37 11.43 -1.67
N GLY A 252 -1.97 10.31 -1.08
CA GLY A 252 -1.53 9.14 -1.83
C GLY A 252 -2.62 8.25 -2.37
N ASP A 253 -3.89 8.60 -2.13
CA ASP A 253 -5.01 7.80 -2.63
C ASP A 253 -5.43 8.19 -4.04
N SER A 254 -4.76 9.16 -4.65
CA SER A 254 -4.98 9.55 -6.03
C SER A 254 -3.69 9.40 -6.82
N SER A 255 -3.80 9.58 -8.14
CA SER A 255 -2.63 9.48 -9.00
C SER A 255 -1.67 10.66 -8.85
N SER A 256 -2.09 11.72 -8.16
CA SER A 256 -1.23 12.88 -7.99
C SER A 256 -0.19 12.70 -6.89
N GLY A 257 -0.32 11.68 -6.06
CA GLY A 257 0.60 11.44 -4.96
C GLY A 257 1.73 10.49 -5.25
N TRP A 258 1.81 9.95 -6.46
CA TRP A 258 2.84 8.98 -6.82
C TRP A 258 3.52 9.41 -8.10
N THR A 259 4.85 9.27 -8.14
CA THR A 259 5.65 9.64 -9.30
C THR A 259 6.65 8.54 -9.59
N ALA A 260 6.97 8.39 -10.88
CA ALA A 260 7.92 7.38 -11.32
C ALA A 260 8.43 7.75 -12.70
N GLY A 261 9.54 7.12 -13.09
CA GLY A 261 10.11 7.32 -14.41
C GLY A 261 9.54 6.34 -15.43
N ALA A 262 10.04 6.46 -16.65
CA ALA A 262 9.56 5.60 -17.74
C ALA A 262 10.05 4.18 -17.55
N ALA A 263 9.17 3.22 -17.86
CA ALA A 263 9.50 1.80 -17.78
C ALA A 263 8.90 1.08 -18.97
N ALA A 264 9.60 0.06 -19.45
CA ALA A 264 9.15 -0.71 -20.60
C ALA A 264 9.70 -2.12 -20.51
N TYR A 265 9.01 -3.06 -21.16
CA TYR A 265 9.44 -4.45 -21.15
C TYR A 265 8.98 -5.16 -22.42
N TYR A 266 9.51 -6.36 -22.62
CA TYR A 266 9.22 -7.19 -23.78
C TYR A 266 8.68 -8.54 -23.32
N VAL A 267 7.63 -9.00 -24.00
CA VAL A 267 6.94 -10.23 -23.63
C VAL A 267 6.80 -11.13 -24.86
N GLY A 268 7.10 -12.43 -24.67
CA GLY A 268 6.87 -13.42 -25.70
C GLY A 268 6.39 -14.72 -25.09
N TYR A 269 5.93 -15.62 -25.96
CA TYR A 269 5.30 -16.87 -25.52
C TYR A 269 6.03 -18.08 -26.09
N LEU A 270 6.04 -19.15 -25.29
CA LEU A 270 6.74 -20.38 -25.63
C LEU A 270 5.80 -21.36 -26.34
N GLN A 271 6.37 -22.13 -27.27
CA GLN A 271 5.67 -23.16 -28.01
C GLN A 271 6.50 -24.45 -28.01
N PRO A 272 5.86 -25.61 -28.15
CA PRO A 272 6.62 -26.87 -28.17
C PRO A 272 7.37 -27.09 -29.47
N ARG A 273 8.70 -27.06 -29.40
CA ARG A 273 9.56 -27.20 -30.57
C ARG A 273 10.70 -28.16 -30.27
N THR A 274 11.32 -28.65 -31.34
CA THR A 274 12.55 -29.44 -31.29
C THR A 274 13.72 -28.53 -31.64
N PHE A 275 14.73 -28.52 -30.78
CA PHE A 275 15.89 -27.66 -30.94
C PHE A 275 17.16 -28.50 -30.97
N LEU A 276 18.18 -27.98 -31.65
CA LEU A 276 19.50 -28.60 -31.71
C LEU A 276 20.51 -27.63 -31.11
N LEU A 277 21.02 -27.96 -29.93
CA LEU A 277 21.93 -27.12 -29.18
C LEU A 277 23.37 -27.61 -29.36
N LYS A 278 24.32 -26.68 -29.30
CA LYS A 278 25.74 -27.00 -29.41
C LYS A 278 26.42 -26.67 -28.10
N TYR A 279 27.11 -27.65 -27.52
CA TYR A 279 27.90 -27.47 -26.31
C TYR A 279 29.37 -27.43 -26.72
N ASN A 280 30.07 -26.37 -26.35
CA ASN A 280 31.48 -26.23 -26.68
C ASN A 280 32.31 -26.99 -25.66
N GLU A 281 33.65 -26.82 -25.72
CA GLU A 281 34.54 -27.60 -24.87
C GLU A 281 34.39 -27.25 -23.40
N ASN A 282 33.93 -26.05 -23.08
CA ASN A 282 33.77 -25.62 -21.70
C ASN A 282 32.41 -25.95 -21.11
N GLY A 283 31.55 -26.62 -21.87
CA GLY A 283 30.23 -26.96 -21.37
C GLY A 283 29.19 -25.89 -21.51
N THR A 284 29.44 -24.87 -22.33
CA THR A 284 28.54 -23.74 -22.50
C THR A 284 27.86 -23.84 -23.85
N ILE A 285 26.55 -23.62 -23.87
CA ILE A 285 25.78 -23.63 -25.11
C ILE A 285 26.07 -22.34 -25.87
N THR A 286 26.60 -22.47 -27.09
CA THR A 286 27.00 -21.32 -27.88
C THR A 286 26.19 -21.12 -29.14
N ASP A 287 25.38 -22.10 -29.55
CA ASP A 287 24.56 -21.96 -30.74
C ASP A 287 23.40 -22.94 -30.67
N ALA A 288 22.35 -22.63 -31.43
CA ALA A 288 21.17 -23.47 -31.47
C ALA A 288 20.50 -23.35 -32.84
N VAL A 289 19.72 -24.38 -33.17
CA VAL A 289 18.98 -24.43 -34.42
C VAL A 289 17.54 -24.82 -34.11
N ASP A 290 16.59 -24.07 -34.68
CA ASP A 290 15.17 -24.36 -34.56
C ASP A 290 14.74 -25.20 -35.76
N CYS A 291 14.31 -26.44 -35.49
CA CYS A 291 14.09 -27.42 -36.55
C CYS A 291 12.82 -27.19 -37.35
N ALA A 292 12.16 -26.04 -37.20
CA ALA A 292 10.92 -25.77 -37.91
C ALA A 292 10.86 -24.36 -38.50
N LEU A 293 11.94 -23.58 -38.38
CA LEU A 293 11.92 -22.20 -38.85
C LEU A 293 11.76 -22.15 -40.37
N ASP A 294 12.57 -22.92 -41.10
CA ASP A 294 12.54 -22.92 -42.55
C ASP A 294 13.08 -24.25 -43.04
N PRO A 295 12.93 -24.56 -44.33
CA PRO A 295 13.47 -25.84 -44.84
C PRO A 295 14.96 -26.02 -44.59
N LEU A 296 15.75 -24.95 -44.61
CA LEU A 296 17.18 -25.10 -44.34
C LEU A 296 17.43 -25.59 -42.92
N SER A 297 16.71 -25.04 -41.94
CA SER A 297 16.88 -25.47 -40.56
C SER A 297 16.39 -26.91 -40.37
N GLU A 298 15.30 -27.28 -41.06
CA GLU A 298 14.82 -28.65 -40.99
C GLU A 298 15.85 -29.62 -41.58
N THR A 299 16.48 -29.23 -42.68
CA THR A 299 17.53 -30.07 -43.26
C THR A 299 18.73 -30.17 -42.32
N LYS A 300 19.10 -29.07 -41.68
CA LYS A 300 20.20 -29.10 -40.71
C LYS A 300 19.89 -30.04 -39.55
N CYS A 301 18.66 -29.98 -39.04
CA CYS A 301 18.26 -30.85 -37.93
C CYS A 301 18.18 -32.31 -38.35
N THR A 302 17.75 -32.57 -39.59
CA THR A 302 17.58 -33.96 -40.03
C THR A 302 18.91 -34.70 -40.08
N LEU A 303 19.97 -34.03 -40.54
CA LEU A 303 21.28 -34.64 -40.63
C LEU A 303 21.85 -34.94 -39.25
N VAL B 21 -16.39 -2.24 9.33
CA VAL B 21 -15.32 -1.87 10.25
C VAL B 21 -15.96 -1.42 11.56
N GLN B 22 -15.61 -2.11 12.65
CA GLN B 22 -16.12 -1.77 13.97
C GLN B 22 -14.98 -1.76 14.97
N LEU B 23 -15.08 -0.87 15.96
CA LEU B 23 -14.14 -0.77 17.06
C LEU B 23 -14.89 -0.98 18.35
N VAL B 24 -14.55 -2.06 19.06
CA VAL B 24 -15.24 -2.44 20.30
C VAL B 24 -14.30 -2.19 21.47
N GLN B 25 -14.78 -1.42 22.45
CA GLN B 25 -14.00 -1.09 23.63
C GLN B 25 -14.45 -1.94 24.81
N SER B 26 -13.81 -1.71 25.96
CA SER B 26 -14.18 -2.37 27.19
C SER B 26 -15.34 -1.63 27.86
N GLY B 27 -15.77 -2.13 29.00
CA GLY B 27 -16.87 -1.52 29.72
C GLY B 27 -16.46 -0.31 30.53
N ALA B 28 -17.45 0.42 31.01
CA ALA B 28 -17.21 1.59 31.85
C ALA B 28 -16.54 1.18 33.15
N GLU B 29 -15.63 2.01 33.63
CA GLU B 29 -14.83 1.71 34.80
C GLU B 29 -14.98 2.81 35.84
N VAL B 30 -15.03 2.42 37.11
CA VAL B 30 -15.01 3.33 38.24
C VAL B 30 -13.78 3.02 39.07
N LYS B 31 -12.94 4.03 39.28
CA LYS B 31 -11.66 3.86 39.94
C LYS B 31 -11.47 4.93 41.01
N LYS B 32 -10.61 4.62 41.98
CA LYS B 32 -10.23 5.51 43.07
C LYS B 32 -8.99 6.32 42.70
N PRO B 33 -8.85 7.51 43.26
CA PRO B 33 -7.66 8.32 42.96
C PRO B 33 -6.38 7.60 43.36
N GLY B 34 -5.34 7.76 42.54
CA GLY B 34 -4.05 7.16 42.78
C GLY B 34 -3.87 5.76 42.21
N SER B 35 -4.93 5.15 41.69
CA SER B 35 -4.85 3.82 41.11
C SER B 35 -4.51 3.92 39.63
N SER B 36 -4.65 2.82 38.89
CA SER B 36 -4.35 2.78 37.48
C SER B 36 -5.53 2.17 36.72
N VAL B 37 -5.74 2.64 35.50
CA VAL B 37 -6.84 2.20 34.66
C VAL B 37 -6.28 1.64 33.36
N LYS B 38 -6.89 0.57 32.88
CA LYS B 38 -6.52 -0.07 31.62
C LYS B 38 -7.74 -0.14 30.72
N VAL B 39 -7.64 0.43 29.53
CA VAL B 39 -8.74 0.48 28.57
C VAL B 39 -8.32 -0.27 27.32
N SER B 40 -9.20 -1.12 26.81
CA SER B 40 -8.92 -1.95 25.65
C SER B 40 -9.81 -1.56 24.49
N CYS B 41 -9.30 -1.76 23.27
CA CYS B 41 -10.05 -1.52 22.05
C CYS B 41 -9.75 -2.65 21.09
N LYS B 42 -10.76 -3.46 20.77
CA LYS B 42 -10.59 -4.67 20.00
C LYS B 42 -11.04 -4.41 18.56
N THR B 43 -10.23 -4.88 17.60
CA THR B 43 -10.44 -4.61 16.19
C THR B 43 -10.44 -5.94 15.42
N SER B 44 -10.70 -5.86 14.12
CA SER B 44 -10.69 -7.03 13.26
C SER B 44 -9.25 -7.39 12.89
N GLY B 45 -9.08 -8.29 11.93
CA GLY B 45 -7.75 -8.73 11.55
C GLY B 45 -7.00 -7.78 10.65
N VAL B 46 -7.59 -7.44 9.50
CA VAL B 46 -6.92 -6.56 8.54
C VAL B 46 -6.83 -5.14 9.07
N ILE B 47 -7.91 -4.64 9.69
CA ILE B 47 -7.93 -3.26 10.16
C ILE B 47 -6.88 -3.04 11.25
N PHE B 48 -6.71 -4.02 12.13
CA PHE B 48 -5.66 -3.92 13.15
C PHE B 48 -4.28 -3.88 12.53
N SER B 49 -4.04 -4.68 11.51
CA SER B 49 -2.72 -4.86 10.95
C SER B 49 -2.37 -3.86 9.85
N ARG B 50 -3.32 -3.00 9.45
CA ARG B 50 -3.05 -2.05 8.37
C ARG B 50 -3.47 -0.64 8.73
N ASN B 51 -3.43 -0.28 10.01
CA ASN B 51 -3.91 1.05 10.40
C ASN B 51 -3.14 1.55 11.61
N ALA B 52 -3.15 2.87 11.78
CA ALA B 52 -2.68 3.53 12.98
C ALA B 52 -3.87 4.04 13.77
N PHE B 53 -3.72 4.07 15.10
CA PHE B 53 -4.82 4.40 15.99
C PHE B 53 -4.44 5.56 16.90
N SER B 54 -5.46 6.33 17.30
CA SER B 54 -5.27 7.43 18.21
C SER B 54 -6.26 7.30 19.36
N TRP B 55 -5.87 7.83 20.52
CA TRP B 55 -6.73 7.81 21.70
C TRP B 55 -7.11 9.24 22.06
N VAL B 56 -8.41 9.51 22.14
CA VAL B 56 -8.94 10.85 22.34
C VAL B 56 -9.87 10.84 23.54
N ARG B 57 -9.67 11.76 24.46
CA ARG B 57 -10.48 11.84 25.67
C ARG B 57 -11.33 13.11 25.65
N GLN B 58 -12.53 13.01 26.21
CA GLN B 58 -13.46 14.13 26.29
C GLN B 58 -14.01 14.21 27.71
N ALA B 59 -13.79 15.36 28.35
CA ALA B 59 -14.33 15.59 29.68
C ALA B 59 -15.80 15.99 29.61
N PRO B 60 -16.58 15.71 30.65
CA PRO B 60 -17.99 16.11 30.65
C PRO B 60 -18.15 17.62 30.59
N GLY B 61 -18.75 18.10 29.49
CA GLY B 61 -18.98 19.51 29.30
C GLY B 61 -17.81 20.28 28.74
N GLN B 62 -16.72 19.61 28.37
CA GLN B 62 -15.53 20.25 27.83
C GLN B 62 -15.26 19.74 26.42
N GLY B 63 -14.23 20.30 25.79
CA GLY B 63 -13.85 19.91 24.45
C GLY B 63 -13.00 18.65 24.43
N LEU B 64 -12.72 18.20 23.22
CA LEU B 64 -11.94 16.98 23.03
C LEU B 64 -10.47 17.23 23.33
N GLU B 65 -9.76 16.16 23.69
CA GLU B 65 -8.33 16.22 23.99
C GLU B 65 -7.64 15.03 23.35
N TRP B 66 -6.39 15.24 22.95
CA TRP B 66 -5.58 14.21 22.34
C TRP B 66 -4.64 13.61 23.37
N MET B 67 -4.52 12.28 23.37
CA MET B 67 -3.70 11.57 24.34
C MET B 67 -2.51 10.85 23.74
N GLY B 68 -2.62 10.29 22.55
CA GLY B 68 -1.47 9.64 21.95
C GLY B 68 -1.86 8.84 20.72
N ARG B 69 -0.82 8.42 20.01
CA ARG B 69 -0.93 7.64 18.79
C ARG B 69 -0.18 6.32 18.98
N ILE B 70 -0.61 5.30 18.24
CA ILE B 70 0.00 3.97 18.30
C ILE B 70 -0.14 3.31 16.94
N ILE B 71 0.96 2.77 16.43
CA ILE B 71 0.95 2.01 15.18
C ILE B 71 1.37 0.59 15.50
N PRO B 72 0.43 -0.35 15.65
CA PRO B 72 0.77 -1.69 16.14
C PRO B 72 1.65 -2.51 15.21
N PHE B 73 1.66 -2.26 13.90
CA PHE B 73 2.43 -3.05 12.97
C PHE B 73 3.78 -2.43 12.63
N LEU B 74 4.13 -1.31 13.27
CA LEU B 74 5.45 -0.70 13.12
C LEU B 74 6.15 -0.49 14.45
N ASP B 75 5.47 -0.75 15.58
CA ASP B 75 6.05 -0.62 16.91
C ASP B 75 6.59 0.79 17.17
N VAL B 76 5.89 1.79 16.65
CA VAL B 76 6.24 3.19 16.85
C VAL B 76 5.09 3.86 17.59
N THR B 77 5.42 4.58 18.66
CA THR B 77 4.42 5.22 19.51
C THR B 77 4.77 6.69 19.70
N ASN B 78 3.81 7.56 19.42
CA ASN B 78 3.92 8.96 19.76
C ASN B 78 3.23 9.23 21.10
N SER B 79 3.56 10.37 21.70
CA SER B 79 3.03 10.71 23.00
C SER B 79 2.68 12.19 23.06
N ALA B 80 1.74 12.52 23.93
CA ALA B 80 1.34 13.89 24.18
C ALA B 80 2.29 14.55 25.17
N GLN B 81 2.42 15.87 25.05
CA GLN B 81 3.32 16.60 25.95
C GLN B 81 2.86 16.52 27.39
N GLU B 82 1.54 16.61 27.62
CA GLU B 82 1.00 16.54 28.97
C GLU B 82 0.78 15.11 29.45
N PHE B 83 1.05 14.11 28.62
CA PHE B 83 0.86 12.71 28.96
C PHE B 83 2.13 11.91 28.70
N GLN B 84 3.28 12.46 29.09
CA GLN B 84 4.55 11.78 28.98
C GLN B 84 4.96 11.23 30.34
N GLY B 85 5.21 9.93 30.40
CA GLY B 85 5.48 9.27 31.66
C GLY B 85 4.26 8.90 32.47
N ARG B 86 3.06 9.21 31.99
CA ARG B 86 1.83 8.89 32.68
C ARG B 86 0.88 8.02 31.88
N VAL B 87 0.98 8.01 30.55
CA VAL B 87 0.13 7.21 29.69
C VAL B 87 1.01 6.22 28.94
N THR B 88 0.62 4.95 28.97
CA THR B 88 1.35 3.88 28.29
C THR B 88 0.44 3.24 27.26
N LEU B 89 0.86 3.27 26.00
CA LEU B 89 0.09 2.70 24.90
C LEU B 89 0.80 1.46 24.37
N ASN B 90 0.07 0.36 24.23
CA ASN B 90 0.67 -0.87 23.74
C ASN B 90 -0.36 -1.63 22.90
N ALA B 91 0.10 -2.73 22.32
CA ALA B 91 -0.75 -3.57 21.48
C ALA B 91 -0.42 -5.03 21.73
N ASP B 92 -1.20 -5.90 21.10
CA ASP B 92 -0.98 -7.34 21.21
C ASP B 92 -1.66 -8.00 20.01
N LYS B 93 -0.85 -8.66 19.17
CA LYS B 93 -1.35 -9.12 17.87
C LYS B 93 -2.47 -10.15 18.03
N SER B 94 -2.34 -11.03 19.02
CA SER B 94 -3.40 -12.01 19.28
C SER B 94 -4.71 -11.28 19.62
N THR B 95 -5.80 -11.74 19.01
CA THR B 95 -7.16 -11.24 19.18
C THR B 95 -7.28 -9.75 18.90
N SER B 96 -6.21 -9.14 18.39
CA SER B 96 -6.22 -7.79 17.80
C SER B 96 -6.80 -6.75 18.76
N THR B 97 -6.07 -6.51 19.85
CA THR B 97 -6.48 -5.53 20.86
C THR B 97 -5.38 -4.50 21.06
N VAL B 98 -5.81 -3.24 21.25
CA VAL B 98 -4.91 -2.13 21.53
C VAL B 98 -5.24 -1.60 22.92
N TYR B 99 -4.23 -1.43 23.76
CA TYR B 99 -4.42 -1.11 25.17
C TYR B 99 -3.83 0.25 25.51
N MET B 100 -4.53 0.97 26.39
CA MET B 100 -4.08 2.23 26.96
C MET B 100 -4.09 2.11 28.48
N GLU B 101 -3.05 2.65 29.11
CA GLU B 101 -2.89 2.56 30.56
C GLU B 101 -2.64 3.93 31.13
N LEU B 102 -3.42 4.30 32.15
CA LEU B 102 -3.30 5.59 32.82
C LEU B 102 -2.99 5.36 34.29
N SER B 103 -2.04 6.13 34.82
CA SER B 103 -1.58 6.00 36.19
C SER B 103 -1.62 7.36 36.87
N SER B 104 -1.49 7.33 38.20
CA SER B 104 -1.50 8.54 39.03
C SER B 104 -2.77 9.35 38.78
N LEU B 105 -3.91 8.72 39.07
CA LEU B 105 -5.20 9.33 38.76
C LEU B 105 -5.44 10.58 39.59
N ARG B 106 -6.04 11.58 38.95
CA ARG B 106 -6.42 12.82 39.60
C ARG B 106 -7.94 12.85 39.81
N SER B 107 -8.39 13.78 40.66
CA SER B 107 -9.80 13.87 40.98
C SER B 107 -10.64 14.32 39.79
N GLU B 108 -10.03 14.98 38.80
CA GLU B 108 -10.75 15.52 37.65
C GLU B 108 -10.45 14.75 36.38
N ASP B 109 -10.20 13.45 36.49
CA ASP B 109 -9.88 12.63 35.33
C ASP B 109 -11.07 11.81 34.83
N THR B 110 -12.25 12.03 35.38
CA THR B 110 -13.46 11.37 34.87
C THR B 110 -13.78 11.92 33.49
N ALA B 111 -13.92 11.02 32.52
CA ALA B 111 -14.09 11.45 31.13
C ALA B 111 -14.58 10.25 30.31
N ILE B 112 -14.66 10.44 29.00
CA ILE B 112 -14.98 9.39 28.05
C ILE B 112 -13.82 9.24 27.09
N TYR B 113 -13.35 8.01 26.91
CA TYR B 113 -12.15 7.72 26.13
C TYR B 113 -12.54 6.98 24.86
N TYR B 114 -12.01 7.43 23.73
CA TYR B 114 -12.31 6.89 22.42
C TYR B 114 -11.03 6.38 21.76
N CYS B 115 -11.13 5.21 21.14
CA CYS B 115 -10.11 4.73 20.21
C CYS B 115 -10.59 5.01 18.80
N ALA B 116 -9.75 5.67 18.00
CA ALA B 116 -10.14 6.11 16.68
C ALA B 116 -9.11 5.68 15.66
N ARG B 117 -9.57 5.47 14.43
CA ARG B 117 -8.74 5.00 13.33
C ARG B 117 -8.42 6.16 12.41
N HIS B 118 -7.14 6.29 12.04
CA HIS B 118 -6.72 7.31 11.10
C HIS B 118 -7.00 6.85 9.68
N ASN B 119 -7.59 7.73 8.87
CA ASN B 119 -7.81 7.44 7.46
C ASN B 119 -6.62 7.84 6.59
N GLY B 120 -5.58 8.42 7.18
CA GLY B 120 -4.38 8.75 6.46
C GLY B 120 -3.47 7.55 6.27
N ASP B 121 -2.25 7.83 5.84
CA ASP B 121 -1.27 6.78 5.57
C ASP B 121 -0.36 6.62 6.77
N PRO B 122 -0.33 5.45 7.42
CA PRO B 122 0.64 5.24 8.50
C PRO B 122 2.08 5.34 8.03
N TYR B 123 2.37 4.99 6.77
CA TYR B 123 3.72 5.16 6.25
C TYR B 123 4.08 6.63 6.10
N ASP B 124 3.09 7.46 5.75
CA ASP B 124 3.31 8.91 5.75
C ASP B 124 3.65 9.40 7.15
N PHE B 125 2.98 8.85 8.17
CA PHE B 125 3.29 9.20 9.55
C PHE B 125 4.71 8.76 9.92
N TRP B 126 5.11 7.57 9.47
CA TRP B 126 6.46 7.09 9.77
C TRP B 126 7.52 7.94 9.11
N SER B 127 7.27 8.40 7.88
CA SER B 127 8.24 9.23 7.17
C SER B 127 8.35 10.64 7.73
N GLY B 128 7.45 11.03 8.65
CA GLY B 128 7.50 12.34 9.26
C GLY B 128 6.55 13.36 8.69
N TYR B 129 5.70 12.98 7.74
CA TYR B 129 4.75 13.88 7.11
C TYR B 129 3.39 13.70 7.77
N ASN B 130 3.00 14.67 8.58
CA ASN B 130 1.75 14.62 9.35
C ASN B 130 0.78 15.68 8.85
N THR B 131 0.83 15.98 7.54
CA THR B 131 -0.07 16.98 6.99
C THR B 131 -1.52 16.53 6.93
N TRP B 132 -1.76 15.22 6.93
CA TRP B 132 -3.11 14.68 6.92
C TRP B 132 -3.48 13.88 8.17
N ALA B 133 -2.75 14.09 9.26
CA ALA B 133 -3.13 13.53 10.56
C ALA B 133 -4.16 14.45 11.20
N GLY B 134 -5.32 13.90 11.54
CA GLY B 134 -6.42 14.71 12.05
C GLY B 134 -7.75 14.21 11.56
N GLY B 135 -7.73 13.26 10.63
CA GLY B 135 -8.93 12.60 10.16
C GLY B 135 -9.12 11.29 10.89
N LEU B 136 -10.32 11.11 11.46
CA LEU B 136 -10.66 9.91 12.22
C LEU B 136 -12.07 9.50 11.80
N ASP B 137 -12.16 8.53 10.88
CA ASP B 137 -13.46 8.15 10.32
C ASP B 137 -14.19 7.17 11.22
N VAL B 138 -13.49 6.17 11.75
CA VAL B 138 -14.10 5.11 12.56
C VAL B 138 -13.78 5.38 14.02
N TRP B 139 -14.81 5.29 14.87
CA TRP B 139 -14.68 5.51 16.30
C TRP B 139 -15.29 4.36 17.06
N GLY B 140 -14.83 4.16 18.29
CA GLY B 140 -15.43 3.20 19.17
C GLY B 140 -16.63 3.76 19.90
N GLN B 141 -17.33 2.87 20.63
CA GLN B 141 -18.51 3.30 21.37
C GLN B 141 -18.18 4.21 22.54
N GLY B 142 -16.93 4.18 23.03
CA GLY B 142 -16.53 5.05 24.12
C GLY B 142 -16.52 4.35 25.46
N THR B 143 -15.47 4.57 26.24
CA THR B 143 -15.34 3.98 27.58
C THR B 143 -15.42 5.11 28.61
N THR B 144 -16.38 5.01 29.51
CA THR B 144 -16.57 6.03 30.54
C THR B 144 -15.76 5.68 31.77
N VAL B 145 -14.81 6.55 32.12
CA VAL B 145 -13.94 6.34 33.28
C VAL B 145 -14.31 7.37 34.34
N THR B 146 -14.77 6.89 35.49
CA THR B 146 -15.15 7.74 36.61
C THR B 146 -14.11 7.56 37.71
N VAL B 147 -13.22 8.53 37.86
CA VAL B 147 -12.18 8.51 38.87
C VAL B 147 -12.66 9.36 40.03
N SER B 148 -13.07 8.71 41.12
CA SER B 148 -13.59 9.41 42.29
C SER B 148 -13.39 8.54 43.52
N SER B 149 -13.52 9.16 44.68
CA SER B 149 -13.36 8.46 45.95
C SER B 149 -14.68 8.44 46.72
N LEU C 23 -5.75 26.17 18.55
CA LEU C 23 -6.66 26.84 17.62
C LEU C 23 -7.76 27.57 18.38
N THR C 24 -8.27 28.65 17.78
CA THR C 24 -9.29 29.47 18.39
C THR C 24 -10.51 29.54 17.47
N GLN C 25 -11.70 29.54 18.06
CA GLN C 25 -12.94 29.63 17.32
C GLN C 25 -14.02 30.16 18.26
N PRO C 26 -15.08 30.77 17.73
CA PRO C 26 -16.12 31.33 18.60
C PRO C 26 -16.86 30.23 19.34
N PRO C 27 -17.36 30.53 20.54
CA PRO C 27 -17.99 29.48 21.36
C PRO C 27 -19.43 29.16 20.98
N SER C 28 -20.12 30.03 20.23
CA SER C 28 -21.52 29.81 19.94
C SER C 28 -21.88 30.48 18.62
N ALA C 29 -22.97 30.00 18.02
CA ALA C 29 -23.51 30.57 16.79
C ALA C 29 -25.00 30.29 16.74
N SER C 30 -25.70 31.06 15.90
CA SER C 30 -27.14 30.92 15.77
C SER C 30 -27.57 31.40 14.40
N GLY C 31 -28.77 30.98 14.00
CA GLY C 31 -29.32 31.39 12.73
C GLY C 31 -30.68 30.75 12.51
N THR C 32 -31.36 31.22 11.46
CA THR C 32 -32.67 30.73 11.08
C THR C 32 -32.55 29.59 10.08
N PRO C 33 -33.50 28.65 10.09
CA PRO C 33 -33.43 27.51 9.14
C PRO C 33 -33.48 27.98 7.70
N GLY C 34 -32.76 27.26 6.84
CA GLY C 34 -32.72 27.56 5.42
C GLY C 34 -31.68 28.55 4.99
N GLN C 35 -30.91 29.12 5.93
CA GLN C 35 -29.90 30.10 5.61
C GLN C 35 -28.53 29.43 5.46
N ARG C 36 -27.50 30.25 5.24
CA ARG C 36 -26.12 29.78 5.15
C ARG C 36 -25.37 30.35 6.34
N VAL C 37 -24.90 29.46 7.21
CA VAL C 37 -24.17 29.84 8.41
C VAL C 37 -22.70 29.49 8.22
N THR C 38 -21.84 30.19 8.96
CA THR C 38 -20.40 29.97 8.88
C THR C 38 -19.80 29.89 10.27
N ILE C 39 -18.71 29.13 10.37
CA ILE C 39 -17.95 28.98 11.61
C ILE C 39 -16.47 29.15 11.26
N SER C 40 -15.77 29.97 12.04
CA SER C 40 -14.37 30.27 11.80
C SER C 40 -13.48 29.45 12.72
N CYS C 41 -12.21 29.35 12.35
CA CYS C 41 -11.19 28.66 13.15
C CYS C 41 -9.85 29.28 12.81
N SER C 42 -9.31 30.09 13.72
CA SER C 42 -8.05 30.78 13.50
C SER C 42 -6.94 30.12 14.30
N GLY C 43 -5.82 29.84 13.63
CA GLY C 43 -4.68 29.20 14.27
C GLY C 43 -3.39 29.89 13.90
N SER C 44 -2.30 29.31 14.40
CA SER C 44 -0.97 29.86 14.15
C SER C 44 -0.46 29.38 12.80
N GLY C 45 0.81 29.65 12.50
CA GLY C 45 1.38 29.26 11.23
C GLY C 45 2.05 27.90 11.24
N SER C 46 2.30 27.37 12.43
CA SER C 46 2.96 26.07 12.57
C SER C 46 1.98 24.91 12.53
N ASN C 47 0.69 25.16 12.73
CA ASN C 47 -0.30 24.09 12.73
C ASN C 47 -1.28 24.21 11.58
N ILE C 48 -1.96 25.34 11.41
CA ILE C 48 -2.96 25.48 10.36
C ILE C 48 -2.30 25.84 9.04
N GLY C 49 -1.33 26.75 9.05
CA GLY C 49 -0.67 27.18 7.83
C GLY C 49 0.25 26.16 7.21
N SER C 50 0.52 25.06 7.91
CA SER C 50 1.37 24.00 7.39
C SER C 50 0.68 22.67 7.20
N ASN C 51 -0.48 22.45 7.83
CA ASN C 51 -1.18 21.18 7.77
C ASN C 51 -2.63 21.40 7.37
N ALA C 52 -3.23 20.36 6.79
CA ALA C 52 -4.62 20.42 6.39
C ALA C 52 -5.54 20.42 7.61
N VAL C 53 -6.73 20.98 7.44
CA VAL C 53 -7.69 21.12 8.52
C VAL C 53 -8.82 20.11 8.32
N ASN C 54 -9.38 19.66 9.44
CA ASN C 54 -10.47 18.70 9.46
C ASN C 54 -11.57 19.21 10.38
N TRP C 55 -12.81 18.84 10.06
CA TRP C 55 -13.97 19.27 10.82
C TRP C 55 -14.78 18.07 11.27
N TYR C 56 -15.33 18.15 12.48
CA TYR C 56 -16.08 17.07 13.09
C TYR C 56 -17.42 17.58 13.61
N GLN C 57 -18.42 16.71 13.55
CA GLN C 57 -19.73 16.98 14.13
C GLN C 57 -20.01 15.96 15.22
N GLN C 58 -20.49 16.45 16.37
CA GLN C 58 -20.75 15.60 17.53
C GLN C 58 -22.14 15.92 18.07
N LEU C 59 -23.07 14.99 17.90
CA LEU C 59 -24.37 15.12 18.52
C LEU C 59 -24.22 14.87 20.03
N PRO C 60 -25.10 15.46 20.84
CA PRO C 60 -24.94 15.36 22.30
C PRO C 60 -24.98 13.94 22.84
N GLY C 61 -25.56 12.99 22.11
CA GLY C 61 -25.70 11.64 22.62
C GLY C 61 -24.90 10.57 21.89
N THR C 62 -23.88 10.97 21.13
CA THR C 62 -23.10 10.01 20.36
C THR C 62 -21.68 10.54 20.19
N ALA C 63 -20.84 9.71 19.55
CA ALA C 63 -19.46 10.05 19.29
C ALA C 63 -19.35 11.05 18.14
N PRO C 64 -18.26 11.81 18.06
CA PRO C 64 -18.09 12.75 16.96
C PRO C 64 -17.96 12.05 15.62
N LYS C 65 -18.39 12.76 14.57
CA LYS C 65 -18.40 12.23 13.21
C LYS C 65 -17.61 13.15 12.29
N LEU C 66 -16.83 12.56 11.40
CA LEU C 66 -16.03 13.33 10.45
C LEU C 66 -16.91 13.94 9.38
N LEU C 67 -16.72 15.23 9.11
CA LEU C 67 -17.46 15.95 8.08
C LEU C 67 -16.59 16.35 6.90
N ILE C 68 -15.47 17.03 7.16
CA ILE C 68 -14.60 17.52 6.10
C ILE C 68 -13.18 17.02 6.39
N TYR C 69 -12.54 16.44 5.37
CA TYR C 69 -11.14 16.05 5.46
C TYR C 69 -10.44 16.44 4.17
N ASN C 70 -9.11 16.59 4.27
CA ASN C 70 -8.27 17.06 3.18
C ASN C 70 -8.76 18.43 2.69
N GLN C 71 -9.34 19.20 3.61
CA GLN C 71 -9.64 20.61 3.47
C GLN C 71 -10.81 20.88 2.53
N ASN C 72 -11.23 19.87 1.76
CA ASN C 72 -12.40 20.02 0.90
C ASN C 72 -13.28 18.80 0.80
N GLN C 73 -12.83 17.61 1.19
CA GLN C 73 -13.55 16.38 0.89
C GLN C 73 -14.60 16.09 1.94
N ARG C 74 -15.57 15.25 1.57
CA ARG C 74 -16.59 14.78 2.49
C ARG C 74 -16.69 13.27 2.41
N PRO C 75 -16.76 12.58 3.55
CA PRO C 75 -16.96 11.13 3.52
C PRO C 75 -18.35 10.78 3.01
N SER C 76 -18.46 9.56 2.49
CA SER C 76 -19.73 9.09 1.96
C SER C 76 -20.81 9.11 3.05
N GLY C 77 -21.99 9.61 2.69
CA GLY C 77 -23.08 9.80 3.62
C GLY C 77 -23.24 11.22 4.12
N VAL C 78 -22.23 12.07 3.93
CA VAL C 78 -22.31 13.47 4.30
C VAL C 78 -22.87 14.26 3.13
N PRO C 79 -23.89 15.10 3.32
CA PRO C 79 -24.48 15.84 2.20
C PRO C 79 -23.55 16.89 1.64
N ASP C 80 -24.03 17.63 0.65
CA ASP C 80 -23.24 18.68 -0.01
C ASP C 80 -23.41 20.05 0.64
N ARG C 81 -24.18 20.13 1.73
CA ARG C 81 -24.41 21.42 2.38
C ARG C 81 -23.21 21.90 3.19
N PHE C 82 -22.28 21.03 3.52
CA PHE C 82 -21.10 21.38 4.31
C PHE C 82 -19.93 21.62 3.37
N SER C 83 -19.34 22.82 3.45
CA SER C 83 -18.21 23.18 2.60
C SER C 83 -17.11 23.79 3.45
N GLY C 84 -15.89 23.29 3.30
CA GLY C 84 -14.75 23.82 4.01
C GLY C 84 -13.90 24.72 3.13
N SER C 85 -13.26 25.71 3.76
CA SER C 85 -12.38 26.63 3.05
C SER C 85 -11.26 27.05 3.98
N LYS C 86 -10.15 27.48 3.41
CA LYS C 86 -9.01 27.95 4.17
C LYS C 86 -8.35 29.13 3.46
N SER C 87 -7.95 30.12 4.26
CA SER C 87 -7.20 31.27 3.75
C SER C 87 -6.08 31.56 4.73
N GLY C 88 -4.84 31.51 4.24
CA GLY C 88 -3.68 31.79 5.06
C GLY C 88 -3.55 30.89 6.27
N THR C 89 -3.79 31.45 7.46
CA THR C 89 -3.72 30.72 8.71
C THR C 89 -5.08 30.58 9.38
N SER C 90 -6.17 30.76 8.63
CA SER C 90 -7.51 30.62 9.17
C SER C 90 -8.33 29.71 8.27
N ALA C 91 -9.37 29.11 8.84
CA ALA C 91 -10.24 28.21 8.11
C ALA C 91 -11.69 28.53 8.46
N SER C 92 -12.59 28.10 7.59
CA SER C 92 -14.02 28.35 7.78
C SER C 92 -14.81 27.15 7.27
N LEU C 93 -15.96 26.93 7.91
CA LEU C 93 -16.90 25.88 7.52
C LEU C 93 -18.26 26.52 7.30
N ALA C 94 -18.85 26.29 6.14
CA ALA C 94 -20.11 26.90 5.75
C ALA C 94 -21.17 25.82 5.54
N ILE C 95 -22.35 26.05 6.12
CA ILE C 95 -23.48 25.14 5.98
C ILE C 95 -24.60 25.89 5.27
N GLY C 96 -25.07 25.33 4.16
CA GLY C 96 -26.16 25.90 3.40
C GLY C 96 -27.44 25.13 3.63
N GLY C 97 -28.56 25.84 3.63
CA GLY C 97 -29.84 25.24 3.92
C GLY C 97 -29.89 24.64 5.31
N LEU C 98 -29.84 25.49 6.32
CA LEU C 98 -29.79 25.03 7.70
C LEU C 98 -31.04 24.22 8.04
N GLN C 99 -30.83 23.07 8.67
CA GLN C 99 -31.91 22.13 8.98
C GLN C 99 -32.07 22.02 10.49
N SER C 100 -33.31 21.78 10.93
CA SER C 100 -33.63 21.74 12.35
C SER C 100 -32.90 20.63 13.10
N GLU C 101 -32.34 19.65 12.41
CA GLU C 101 -31.57 18.58 13.03
C GLU C 101 -30.06 18.77 12.87
N ASP C 102 -29.59 20.02 12.90
CA ASP C 102 -28.17 20.31 12.74
C ASP C 102 -27.60 21.06 13.94
N GLU C 103 -28.21 20.92 15.12
CA GLU C 103 -27.69 21.52 16.34
C GLU C 103 -26.74 20.52 16.99
N ALA C 104 -25.45 20.87 17.04
CA ALA C 104 -24.43 19.98 17.58
C ALA C 104 -23.17 20.82 17.83
N ASP C 105 -22.09 20.13 18.16
CA ASP C 105 -20.79 20.77 18.39
C ASP C 105 -19.88 20.48 17.19
N TYR C 106 -19.25 21.53 16.68
CA TYR C 106 -18.36 21.42 15.53
C TYR C 106 -16.93 21.72 15.96
N TYR C 107 -16.01 20.82 15.66
CA TYR C 107 -14.64 20.89 16.14
C TYR C 107 -13.69 21.09 14.96
N CYS C 108 -12.76 22.03 15.13
CA CYS C 108 -11.70 22.29 14.15
C CYS C 108 -10.43 21.64 14.65
N ALA C 109 -9.92 20.67 13.90
CA ALA C 109 -8.79 19.85 14.33
C ALA C 109 -7.67 19.90 13.30
N THR C 110 -6.43 19.89 13.80
CA THR C 110 -5.26 19.86 12.92
C THR C 110 -4.09 19.25 13.69
N TRP C 111 -2.93 19.23 13.05
CA TRP C 111 -1.70 18.73 13.66
C TRP C 111 -0.72 19.89 13.85
N ASP C 112 -0.11 19.96 15.02
CA ASP C 112 0.87 20.99 15.36
C ASP C 112 2.26 20.35 15.38
N ASP C 113 3.17 20.90 14.58
CA ASP C 113 4.52 20.39 14.50
C ASP C 113 5.35 20.81 15.70
N ASN C 114 5.16 22.04 16.19
CA ASN C 114 5.89 22.50 17.36
C ASN C 114 5.53 21.65 18.58
N LEU C 115 4.23 21.51 18.87
CA LEU C 115 3.79 20.60 19.91
C LEU C 115 3.84 19.15 19.48
N SER C 116 3.84 18.89 18.17
CA SER C 116 3.89 17.54 17.59
C SER C 116 2.73 16.70 18.09
N GLY C 117 1.52 17.13 17.76
CA GLY C 117 0.34 16.38 18.17
C GLY C 117 -0.94 17.00 17.62
N LEU C 118 -2.01 16.24 17.75
CA LEU C 118 -3.32 16.75 17.35
C LEU C 118 -3.78 17.86 18.28
N VAL C 119 -4.39 18.88 17.70
CA VAL C 119 -4.96 20.00 18.45
C VAL C 119 -6.36 20.27 17.92
N PHE C 120 -7.32 20.41 18.83
CA PHE C 120 -8.70 20.75 18.52
C PHE C 120 -8.97 22.20 18.90
N GLY C 121 -9.82 22.85 18.11
CA GLY C 121 -10.10 24.25 18.28
C GLY C 121 -11.16 24.61 19.29
N GLY C 122 -11.79 23.62 19.92
CA GLY C 122 -12.89 23.89 20.84
C GLY C 122 -14.23 23.63 20.19
N GLY C 123 -15.27 23.86 20.97
CA GLY C 123 -16.64 23.58 20.56
C GLY C 123 -17.36 24.82 20.07
N THR C 124 -18.18 24.64 19.03
CA THR C 124 -19.06 25.68 18.51
C THR C 124 -20.47 25.12 18.46
N LYS C 125 -21.41 25.79 19.13
CA LYS C 125 -22.79 25.32 19.22
C LYS C 125 -23.67 26.18 18.33
N LEU C 126 -24.49 25.53 17.50
CA LEU C 126 -25.46 26.20 16.66
C LEU C 126 -26.85 25.99 17.23
N THR C 127 -27.46 27.06 17.74
CA THR C 127 -28.83 27.02 18.24
C THR C 127 -29.75 27.51 17.12
N VAL C 128 -30.47 26.58 16.52
CA VAL C 128 -31.34 26.87 15.38
C VAL C 128 -32.73 27.16 15.91
N LEU C 129 -33.15 28.42 15.83
CA LEU C 129 -34.46 28.84 16.30
C LEU C 129 -35.46 28.81 15.16
N GLY C 130 -36.56 28.09 15.36
CA GLY C 130 -37.59 27.96 14.34
C GLY C 130 -37.64 26.58 13.71
#